data_8PF0
#
_entry.id   8PF0
#
_cell.length_a   62.767
_cell.length_b   62.767
_cell.length_c   67.841
_cell.angle_alpha   90.00
_cell.angle_beta   90.00
_cell.angle_gamma   90.00
#
_symmetry.space_group_name_H-M   'P 41'
#
loop_
_entity.id
_entity.type
_entity.pdbx_description
1 polymer 'Affilin variant Af1 (77405)'
2 non-polymer 'COPPER (II) ION'
3 non-polymer IMIDAZOLE
4 water water
#
_entity_poly.entity_id   1
_entity_poly.type   'polypeptide(L)'
_entity_poly.pdbx_seq_one_letter_code
;MRIWVHTLTGKTITLEVEPSDTIENVKAKIQDKEGIPPDQQRLIWAGKQLEDGRTLSDYNINPKLSLHLVLRLRAAGIGM
QIFVHTQTGKTITLEVEPSDTIENVKAKIQDKEGIPPDQQRLIWAGKQLEDGRTLSDYNIGWQAPLHLVLRLRAA
;
_entity_poly.pdbx_strand_id   A
#
# COMPACT_ATOMS: atom_id res chain seq x y z
N MET A 1 -3.47 24.80 -6.24
CA MET A 1 -2.12 24.95 -6.78
C MET A 1 -1.08 24.61 -5.74
N ARG A 2 -0.97 25.46 -4.72
CA ARG A 2 -0.08 25.17 -3.60
C ARG A 2 -0.89 24.81 -2.36
N ILE A 3 -0.54 23.70 -1.71
CA ILE A 3 -1.23 23.31 -0.48
C ILE A 3 -0.26 22.92 0.64
N TRP A 4 -0.79 22.82 1.85
CA TRP A 4 0.03 22.67 3.05
C TRP A 4 -0.43 21.49 3.89
N VAL A 5 0.54 20.71 4.35
CA VAL A 5 0.26 19.50 5.10
C VAL A 5 0.98 19.51 6.43
N HIS A 6 0.21 19.52 7.50
CA HIS A 6 0.76 19.55 8.84
C HIS A 6 1.12 18.16 9.33
N THR A 7 2.24 18.06 10.03
CA THR A 7 2.71 16.77 10.56
C THR A 7 2.77 16.82 12.08
N LEU A 8 2.80 15.65 12.72
CA LEU A 8 2.79 15.64 14.18
C LEU A 8 4.05 16.29 14.76
N THR A 9 5.14 16.29 13.98
CA THR A 9 6.40 16.86 14.46
C THR A 9 6.41 18.38 14.44
N GLY A 10 5.28 18.99 14.06
CA GLY A 10 5.18 20.43 14.04
C GLY A 10 5.71 21.04 12.75
N LYS A 11 6.23 20.18 11.88
CA LYS A 11 6.71 20.62 10.59
C LYS A 11 5.49 20.82 9.70
N THR A 12 5.60 21.72 8.71
CA THR A 12 4.56 21.86 7.71
C THR A 12 5.16 21.77 6.32
N ILE A 13 4.61 20.84 5.54
CA ILE A 13 5.08 20.50 4.22
C ILE A 13 4.27 21.29 3.20
N THR A 14 4.95 21.93 2.27
CA THR A 14 4.25 22.57 1.16
C THR A 14 4.28 21.61 -0.02
N LEU A 15 3.15 21.44 -0.71
CA LEU A 15 3.09 20.60 -1.91
C LEU A 15 2.53 21.36 -3.09
N GLU A 16 2.90 20.96 -4.30
CA GLU A 16 2.29 21.54 -5.49
C GLU A 16 1.30 20.53 -6.05
N VAL A 17 0.03 20.93 -6.18
CA VAL A 17 -0.98 20.00 -6.66
C VAL A 17 -1.89 20.70 -7.63
N GLU A 18 -2.80 19.93 -8.19
CA GLU A 18 -3.84 20.44 -9.07
C GLU A 18 -5.11 19.73 -8.63
N PRO A 19 -6.27 20.37 -8.86
CA PRO A 19 -7.54 19.74 -8.50
C PRO A 19 -7.72 18.30 -9.03
N SER A 20 -7.15 17.98 -10.20
CA SER A 20 -7.32 16.62 -10.74
C SER A 20 -6.31 15.56 -10.22
N ASP A 21 -5.43 15.95 -9.30
CA ASP A 21 -4.56 14.96 -8.69
C ASP A 21 -5.34 14.10 -7.71
N THR A 22 -5.04 12.80 -7.66
CA THR A 22 -5.70 11.93 -6.71
C THR A 22 -5.09 12.15 -5.34
N ILE A 23 -5.83 11.73 -4.31
CA ILE A 23 -5.33 11.78 -2.95
C ILE A 23 -4.11 10.88 -2.83
N GLU A 24 -4.16 9.75 -3.51
CA GLU A 24 -3.04 8.81 -3.57
C GLU A 24 -1.82 9.55 -4.12
N ASN A 25 -2.01 10.29 -5.20
CA ASN A 25 -0.89 11.07 -5.74
C ASN A 25 -0.37 12.09 -4.71
N VAL A 26 -1.26 12.68 -3.91
CA VAL A 26 -0.80 13.60 -2.86
C VAL A 26 0.08 12.82 -1.88
N LYS A 27 -0.35 11.63 -1.51
CA LYS A 27 0.44 10.81 -0.61
C LYS A 27 1.78 10.46 -1.24
N ALA A 28 1.80 10.33 -2.55
CA ALA A 28 3.05 9.97 -3.22
C ALA A 28 4.01 11.15 -3.21
N LYS A 29 3.46 12.36 -3.27
CA LYS A 29 4.31 13.56 -3.23
C LYS A 29 4.89 13.71 -1.82
N ILE A 30 4.10 13.36 -0.81
CA ILE A 30 4.59 13.41 0.56
C ILE A 30 5.70 12.39 0.73
N GLN A 31 5.58 11.25 0.05
CA GLN A 31 6.65 10.25 0.14
C GLN A 31 7.92 10.78 -0.50
N ASP A 32 7.79 11.49 -1.62
CA ASP A 32 8.97 12.02 -2.31
C ASP A 32 9.71 13.01 -1.42
N LYS A 33 8.98 13.85 -0.71
CA LYS A 33 9.63 14.87 0.11
C LYS A 33 10.07 14.38 1.49
N GLU A 34 9.40 13.38 2.04
CA GLU A 34 9.62 13.00 3.44
C GLU A 34 9.94 11.53 3.68
N GLY A 35 9.84 10.72 2.63
CA GLY A 35 10.18 9.31 2.76
C GLY A 35 9.16 8.45 3.49
N ILE A 36 7.98 9.02 3.77
CA ILE A 36 6.92 8.26 4.43
C ILE A 36 6.06 7.48 3.43
N PRO A 37 6.02 6.15 3.59
CA PRO A 37 5.24 5.29 2.69
C PRO A 37 3.74 5.64 2.70
N PRO A 38 3.15 5.76 1.51
CA PRO A 38 1.74 6.14 1.39
C PRO A 38 0.79 5.23 2.17
N ASP A 39 1.13 3.95 2.29
CA ASP A 39 0.27 3.03 3.03
C ASP A 39 0.20 3.36 4.52
N GLN A 40 1.06 4.29 4.97
CA GLN A 40 1.11 4.67 6.38
C GLN A 40 0.39 5.99 6.63
N GLN A 41 0.07 6.69 5.55
CA GLN A 41 -0.45 8.03 5.63
C GLN A 41 -1.98 8.08 5.71
N ARG A 42 -2.48 8.88 6.66
CA ARG A 42 -3.90 9.25 6.71
C ARG A 42 -3.99 10.76 6.51
N LEU A 43 -4.69 11.20 5.47
CA LEU A 43 -4.80 12.64 5.24
C LEU A 43 -6.16 13.13 5.72
N ILE A 44 -6.17 14.19 6.53
CA ILE A 44 -7.40 14.64 7.16
C ILE A 44 -7.72 16.06 6.72
N TRP A 45 -8.98 16.28 6.34
CA TRP A 45 -9.45 17.61 6.01
C TRP A 45 -10.88 17.82 6.50
N ALA A 46 -11.06 18.83 7.34
CA ALA A 46 -12.36 19.16 7.91
C ALA A 46 -13.01 17.94 8.55
N GLY A 47 -12.22 17.16 9.29
CA GLY A 47 -12.75 16.01 9.99
C GLY A 47 -13.00 14.80 9.10
N LYS A 48 -12.76 14.96 7.80
CA LYS A 48 -12.96 13.86 6.86
C LYS A 48 -11.61 13.25 6.50
N GLN A 49 -11.55 11.94 6.50
CA GLN A 49 -10.40 11.21 6.00
C GLN A 49 -10.46 11.14 4.46
N LEU A 50 -9.46 11.68 3.78
CA LEU A 50 -9.48 11.69 2.32
C LEU A 50 -9.20 10.32 1.71
N GLU A 51 -10.01 9.95 0.71
CA GLU A 51 -9.94 8.63 0.07
C GLU A 51 -8.96 8.59 -1.08
N ASP A 52 -8.14 7.54 -1.12
CA ASP A 52 -7.06 7.40 -2.10
C ASP A 52 -7.49 7.51 -3.57
N GLY A 53 -8.65 6.96 -3.91
CA GLY A 53 -9.05 6.89 -5.31
C GLY A 53 -9.69 8.17 -5.81
N ARG A 54 -9.95 9.12 -4.90
CA ARG A 54 -10.61 10.38 -5.27
C ARG A 54 -9.62 11.50 -5.58
N THR A 55 -10.10 12.53 -6.27
CA THR A 55 -9.29 13.72 -6.54
C THR A 55 -9.70 14.82 -5.58
N LEU A 56 -8.84 15.83 -5.41
CA LEU A 56 -9.17 17.00 -4.63
C LEU A 56 -10.49 17.59 -5.13
N SER A 57 -10.71 17.53 -6.44
CA SER A 57 -11.91 18.13 -7.01
C SER A 57 -13.17 17.33 -6.67
N ASP A 58 -13.00 16.10 -6.18
CA ASP A 58 -14.17 15.33 -5.79
C ASP A 58 -14.67 15.91 -4.47
N TYR A 59 -13.79 16.57 -3.74
CA TYR A 59 -14.19 17.16 -2.48
C TYR A 59 -14.59 18.60 -2.72
N ASN A 60 -15.48 19.12 -1.87
CA ASN A 60 -15.99 20.45 -2.08
C ASN A 60 -15.08 21.50 -1.44
N ILE A 61 -13.91 21.70 -2.05
CA ILE A 61 -12.90 22.60 -1.49
C ILE A 61 -12.96 24.01 -2.06
N ASN A 62 -13.06 25.01 -1.17
CA ASN A 62 -13.05 26.41 -1.59
C ASN A 62 -11.64 26.89 -1.95
N PRO A 63 -11.41 27.20 -3.24
CA PRO A 63 -10.09 27.48 -3.80
C PRO A 63 -9.60 28.90 -3.51
N LYS A 64 -10.49 29.75 -3.00
CA LYS A 64 -10.09 31.09 -2.58
C LYS A 64 -9.08 30.95 -1.45
N LEU A 65 -9.40 30.07 -0.51
CA LEU A 65 -8.54 29.83 0.64
C LEU A 65 -7.42 28.87 0.30
N SER A 66 -6.36 28.93 1.09
CA SER A 66 -5.28 27.98 0.97
C SER A 66 -5.74 26.70 1.64
N LEU A 67 -5.47 25.57 1.00
CA LEU A 67 -5.90 24.30 1.54
C LEU A 67 -4.86 23.74 2.51
N HIS A 68 -5.28 23.42 3.73
CA HIS A 68 -4.38 22.83 4.71
C HIS A 68 -4.90 21.47 5.12
N LEU A 69 -4.03 20.46 5.06
CA LEU A 69 -4.40 19.11 5.42
C LEU A 69 -3.62 18.75 6.67
N VAL A 70 -4.07 17.72 7.37
CA VAL A 70 -3.34 17.20 8.50
C VAL A 70 -2.97 15.76 8.19
N LEU A 71 -1.71 15.43 8.42
CA LEU A 71 -1.20 14.10 8.14
C LEU A 71 -1.11 13.30 9.42
N ARG A 72 -1.73 12.13 9.47
CA ARG A 72 -1.52 11.23 10.60
C ARG A 72 -0.97 9.91 10.09
N LEU A 73 -0.11 9.31 10.90
CA LEU A 73 0.49 8.05 10.56
C LEU A 73 -0.41 6.94 11.08
N ARG A 74 -0.89 6.09 10.20
CA ARG A 74 -1.58 4.89 10.65
C ARG A 74 -0.51 3.86 10.90
N ALA A 75 -0.93 2.63 11.19
CA ALA A 75 0.03 1.60 11.53
C ALA A 75 0.38 0.68 10.37
N ALA A 76 1.60 0.13 10.43
CA ALA A 76 1.99 -0.98 9.60
C ALA A 76 2.06 -2.21 10.50
N GLY A 77 1.00 -2.41 11.28
CA GLY A 77 0.99 -3.45 12.30
C GLY A 77 -0.32 -4.17 12.53
N ILE A 78 -0.46 -4.75 13.73
CA ILE A 78 -1.58 -5.62 14.08
C ILE A 78 -1.67 -6.81 13.13
N GLY A 79 -0.56 -7.56 13.04
CA GLY A 79 -0.46 -8.73 12.18
C GLY A 79 0.65 -8.61 11.17
N MET A 80 0.82 -9.65 10.35
CA MET A 80 1.74 -9.57 9.22
C MET A 80 1.06 -9.80 7.89
N GLN A 81 0.83 -8.71 7.17
CA GLN A 81 0.14 -8.74 5.91
C GLN A 81 1.14 -8.76 4.77
N ILE A 82 0.83 -9.50 3.71
CA ILE A 82 1.59 -9.39 2.48
C ILE A 82 0.62 -9.25 1.32
N PHE A 83 1.16 -8.90 0.16
CA PHE A 83 0.34 -8.52 -0.97
C PHE A 83 0.75 -9.31 -2.22
N VAL A 84 -0.25 -9.87 -2.90
CA VAL A 84 0.00 -10.67 -4.09
C VAL A 84 -0.71 -10.08 -5.28
N HIS A 85 0.08 -9.68 -6.29
CA HIS A 85 -0.47 -9.09 -7.50
C HIS A 85 -0.90 -10.15 -8.50
N THR A 86 -2.04 -9.92 -9.15
CA THR A 86 -2.55 -10.87 -10.14
C THR A 86 -2.61 -10.27 -11.54
N GLN A 87 -2.79 -11.13 -12.53
CA GLN A 87 -2.82 -10.67 -13.92
C GLN A 87 -4.01 -9.77 -14.20
N THR A 88 -5.11 -9.99 -13.46
CA THR A 88 -6.32 -9.21 -13.68
C THR A 88 -6.27 -7.85 -13.02
N GLY A 89 -5.08 -7.44 -12.58
CA GLY A 89 -4.90 -6.14 -11.97
C GLY A 89 -5.36 -6.04 -10.52
N LYS A 90 -5.94 -7.11 -9.99
CA LYS A 90 -6.36 -7.11 -8.60
C LYS A 90 -5.12 -7.36 -7.73
N THR A 91 -5.20 -6.95 -6.47
CA THR A 91 -4.14 -7.26 -5.52
C THR A 91 -4.75 -7.90 -4.28
N ILE A 92 -4.29 -9.10 -3.99
CA ILE A 92 -4.79 -9.91 -2.89
C ILE A 92 -3.96 -9.61 -1.66
N THR A 93 -4.63 -9.33 -0.55
CA THR A 93 -3.93 -9.18 0.72
C THR A 93 -4.02 -10.52 1.44
N LEU A 94 -2.92 -10.99 2.02
CA LEU A 94 -2.93 -12.23 2.79
C LEU A 94 -2.30 -12.01 4.15
N GLU A 95 -2.65 -12.85 5.11
CA GLU A 95 -2.02 -12.76 6.43
C GLU A 95 -1.09 -13.96 6.57
N VAL A 96 0.19 -13.71 6.82
CA VAL A 96 1.13 -14.82 6.86
C VAL A 96 2.09 -14.66 8.00
N GLU A 97 2.84 -15.72 8.28
CA GLU A 97 3.92 -15.67 9.24
C GLU A 97 5.17 -16.12 8.51
N PRO A 98 6.35 -15.70 9.00
CA PRO A 98 7.62 -16.14 8.41
C PRO A 98 7.72 -17.67 8.31
N SER A 99 7.18 -18.40 9.29
CA SER A 99 7.27 -19.86 9.24
C SER A 99 6.17 -20.54 8.39
N ASP A 100 5.40 -19.77 7.64
CA ASP A 100 4.44 -20.36 6.69
C ASP A 100 5.17 -20.82 5.44
N THR A 101 4.79 -22.00 4.93
CA THR A 101 5.42 -22.48 3.70
C THR A 101 4.85 -21.76 2.50
N ILE A 102 5.60 -21.78 1.40
CA ILE A 102 5.14 -21.17 0.17
C ILE A 102 3.86 -21.88 -0.27
N GLU A 103 3.84 -23.20 -0.08
CA GLU A 103 2.67 -24.00 -0.39
C GLU A 103 1.47 -23.49 0.43
N ASN A 104 1.69 -23.20 1.71
CA ASN A 104 0.61 -22.65 2.53
C ASN A 104 0.12 -21.31 1.96
N VAL A 105 1.04 -20.50 1.45
CA VAL A 105 0.66 -19.23 0.82
C VAL A 105 -0.26 -19.50 -0.37
N LYS A 106 0.09 -20.49 -1.17
CA LYS A 106 -0.73 -20.85 -2.32
C LYS A 106 -2.08 -21.35 -1.85
N ALA A 107 -2.09 -22.03 -0.71
CA ALA A 107 -3.35 -22.56 -0.18
C ALA A 107 -4.26 -21.41 0.23
N LYS A 108 -3.65 -20.36 0.76
CA LYS A 108 -4.43 -19.19 1.21
C LYS A 108 -4.97 -18.44 0.01
N ILE A 109 -4.19 -18.40 -1.06
CA ILE A 109 -4.68 -17.81 -2.29
C ILE A 109 -5.83 -18.63 -2.83
N GLN A 110 -5.76 -19.95 -2.67
CA GLN A 110 -6.90 -20.80 -3.10
C GLN A 110 -8.16 -20.50 -2.28
N ASP A 111 -8.02 -20.31 -0.97
CA ASP A 111 -9.20 -20.03 -0.14
C ASP A 111 -9.86 -18.72 -0.56
N LYS A 112 -9.05 -17.75 -0.97
CA LYS A 112 -9.57 -16.43 -1.32
C LYS A 112 -10.10 -16.30 -2.74
N GLU A 113 -9.46 -16.98 -3.69
CA GLU A 113 -9.74 -16.72 -5.11
C GLU A 113 -10.15 -17.97 -5.87
N GLY A 114 -9.99 -19.13 -5.24
CA GLY A 114 -10.41 -20.38 -5.85
C GLY A 114 -9.44 -20.97 -6.86
N ILE A 115 -8.21 -20.44 -6.89
CA ILE A 115 -7.20 -20.89 -7.83
C ILE A 115 -6.39 -22.04 -7.25
N PRO A 116 -6.42 -23.22 -7.90
CA PRO A 116 -5.69 -24.38 -7.39
C PRO A 116 -4.18 -24.13 -7.31
N PRO A 117 -3.56 -24.55 -6.19
CA PRO A 117 -2.12 -24.37 -5.96
C PRO A 117 -1.26 -24.96 -7.08
N ASP A 118 -1.76 -26.01 -7.74
CA ASP A 118 -1.12 -26.59 -8.91
C ASP A 118 -0.74 -25.56 -9.95
N GLN A 119 -1.58 -24.53 -10.07
CA GLN A 119 -1.53 -23.62 -11.20
C GLN A 119 -0.80 -22.34 -10.88
N GLN A 120 -0.38 -22.21 -9.62
CA GLN A 120 0.16 -20.98 -9.11
C GLN A 120 1.67 -20.96 -9.17
N ARG A 121 2.22 -19.90 -9.77
CA ARG A 121 3.65 -19.63 -9.66
C ARG A 121 3.81 -18.32 -8.89
N LEU A 122 4.52 -18.34 -7.77
CA LEU A 122 4.73 -17.12 -7.01
C LEU A 122 6.12 -16.55 -7.25
N ILE A 123 6.18 -15.28 -7.64
CA ILE A 123 7.43 -14.65 -8.05
C ILE A 123 7.80 -13.53 -7.07
N TRP A 124 9.05 -13.55 -6.63
CA TRP A 124 9.57 -12.48 -5.79
C TRP A 124 11.02 -12.17 -6.20
N ALA A 125 11.27 -10.90 -6.52
CA ALA A 125 12.58 -10.45 -6.96
C ALA A 125 13.17 -11.36 -8.03
N GLY A 126 12.38 -11.70 -9.03
CA GLY A 126 12.85 -12.53 -10.11
C GLY A 126 13.02 -14.01 -9.77
N LYS A 127 12.66 -14.40 -8.55
CA LYS A 127 12.76 -15.78 -8.14
C LYS A 127 11.39 -16.44 -8.08
N GLN A 128 11.28 -17.66 -8.59
CA GLN A 128 10.12 -18.47 -8.33
C GLN A 128 10.24 -19.11 -6.94
N LEU A 129 9.28 -18.84 -6.06
CA LEU A 129 9.32 -19.37 -4.69
C LEU A 129 8.97 -20.87 -4.68
N GLU A 130 9.74 -21.65 -3.92
CA GLU A 130 9.57 -23.10 -3.87
C GLU A 130 8.59 -23.53 -2.80
N ASP A 131 7.69 -24.44 -3.17
CA ASP A 131 6.61 -24.91 -2.31
C ASP A 131 7.06 -25.44 -0.95
N GLY A 132 8.19 -26.14 -0.92
CA GLY A 132 8.61 -26.79 0.32
C GLY A 132 9.33 -25.84 1.27
N ARG A 133 9.52 -24.59 0.87
CA ARG A 133 10.28 -23.63 1.70
C ARG A 133 9.35 -22.69 2.45
N THR A 134 9.89 -22.03 3.48
CA THR A 134 9.15 -20.99 4.20
C THR A 134 9.62 -19.62 3.75
N LEU A 135 8.81 -18.59 4.02
CA LEU A 135 9.19 -17.22 3.72
C LEU A 135 10.50 -16.89 4.41
N SER A 136 10.71 -17.46 5.59
CA SER A 136 11.91 -17.17 6.35
C SER A 136 13.15 -17.83 5.73
N ASP A 137 12.94 -18.77 4.80
CA ASP A 137 14.08 -19.36 4.13
C ASP A 137 14.61 -18.37 3.11
N TYR A 138 13.76 -17.45 2.69
CA TYR A 138 14.20 -16.45 1.73
C TYR A 138 14.66 -15.25 2.53
N ASN A 139 15.49 -14.42 1.93
CA ASN A 139 16.05 -13.31 2.68
C ASN A 139 15.20 -12.06 2.47
N ILE A 140 14.03 -12.04 3.10
CA ILE A 140 13.09 -10.94 2.95
C ILE A 140 13.29 -9.85 4.01
N GLY A 141 13.43 -8.60 3.56
CA GLY A 141 13.54 -7.47 4.47
C GLY A 141 12.19 -7.12 5.08
N TRP A 142 11.97 -7.59 6.31
CA TRP A 142 10.65 -7.51 6.96
C TRP A 142 10.24 -6.10 7.37
N GLN A 143 11.14 -5.14 7.22
CA GLN A 143 10.82 -3.73 7.46
C GLN A 143 10.01 -3.18 6.30
N ALA A 144 10.09 -3.87 5.16
CA ALA A 144 9.34 -3.49 3.99
C ALA A 144 8.10 -4.39 3.86
N PRO A 145 7.05 -3.87 3.19
CA PRO A 145 5.93 -4.75 2.94
C PRO A 145 6.30 -5.69 1.82
N LEU A 146 5.93 -6.96 1.94
CA LEU A 146 6.32 -7.94 0.95
C LEU A 146 5.27 -8.00 -0.16
N HIS A 147 5.71 -7.83 -1.40
CA HIS A 147 4.79 -7.94 -2.53
C HIS A 147 5.23 -9.04 -3.45
N LEU A 148 4.32 -9.98 -3.72
CA LEU A 148 4.58 -11.09 -4.61
C LEU A 148 3.80 -10.88 -5.89
N VAL A 149 4.20 -11.58 -6.95
CA VAL A 149 3.46 -11.57 -8.20
C VAL A 149 3.02 -13.00 -8.50
N LEU A 150 1.74 -13.17 -8.81
CA LEU A 150 1.20 -14.49 -9.08
C LEU A 150 1.05 -14.70 -10.57
N ARG A 151 1.62 -15.78 -11.09
CA ARG A 151 1.36 -16.15 -12.49
C ARG A 151 0.82 -17.56 -12.55
N LEU A 152 0.06 -17.83 -13.60
CA LEU A 152 -0.55 -19.13 -13.78
C LEU A 152 0.27 -20.01 -14.71
N ARG A 153 0.19 -21.31 -14.47
CA ARG A 153 0.64 -22.30 -15.44
C ARG A 153 -0.43 -23.36 -15.54
#